data_7W10
#
_entry.id   7W10
#
_cell.length_a   53.178
_cell.length_b   74.640
_cell.length_c   63.609
_cell.angle_alpha   90.000
_cell.angle_beta   95.572
_cell.angle_gamma   90.000
#
_symmetry.space_group_name_H-M   'P 1 21 1'
#
loop_
_entity.id
_entity.type
_entity.pdbx_description
1 polymer Glycosyltransferase
2 non-polymer "URIDINE-5'-DIPHOSPHATE"
3 non-polymer 2-AMINO-2-HYDROXYMETHYL-PROPANE-1,3-DIOL
4 non-polymer bufalin
5 water water
#
_entity_poly.entity_id   1
_entity_poly.type   'polypeptide(L)'
_entity_poly.pdbx_seq_one_letter_code
;GSHMGTIEISSPSKTHILAFPFPEKGHINPMLHLCNRLASKGFRVTLITTISTYKDVKNKIKCKSKGGLINLESIPDGTD
KNLGMNGYFNQFKNSVTESVAGIIEEYKLGHDFPPPKVLIYDSTMPWMLDVAHGHGILGASLFTQPCCVSVVYYHMLQGT
IDFHREQSSSSKVLLLPCLPPLEDRDLPEFDYFKEDSGFVSNLLLNQFLNIDKIDYVLFNTFEMLESEIANWMSNKWKIL
TIGPTAPTAAAAAAANNYLFETNTEVCMKWLDEREPNSVIYVSFGSIASLTEQQMEEISQALFTTNFNFLWVVREEERTK
LPNCLNNNNNNNNNPSSESFTTAAGKLGLIINWCPQLDVLRHESVACFMTHCGWNSTLEAISSGVPMICVPQWVDQTTNA
KFIQDVWKIGVRVNNNNGENGGLVKKEEIERCIKEVCESEKGKELKRNAMKWKDLSKEAVSEGGSSDTNLEYFASTLLFY
;
_entity_poly.pdbx_strand_id   A
#
loop_
_chem_comp.id
_chem_comp.type
_chem_comp.name
_chem_comp.formula
BUF non-polymer bufalin 'C24 H34 O4'
TRS non-polymer 2-AMINO-2-HYDROXYMETHYL-PROPANE-1,3-DIOL 'C4 H12 N O3 1'
UDP RNA linking URIDINE-5'-DIPHOSPHATE 'C9 H14 N2 O12 P2'
#
# COMPACT_ATOMS: atom_id res chain seq x y z
N MET A 4 -44.03 29.89 0.87
CA MET A 4 -42.92 30.81 1.13
C MET A 4 -41.82 30.23 2.02
N GLY A 5 -40.58 30.34 1.57
CA GLY A 5 -39.46 29.92 2.39
C GLY A 5 -38.24 29.65 1.54
N THR A 6 -37.18 29.23 2.23
CA THR A 6 -35.90 28.94 1.60
C THR A 6 -35.57 27.46 1.77
N ILE A 7 -35.27 26.80 0.67
CA ILE A 7 -34.70 25.45 0.66
C ILE A 7 -33.19 25.56 0.58
N GLU A 8 -32.48 24.75 1.35
CA GLU A 8 -31.02 24.70 1.29
C GLU A 8 -30.57 23.29 0.93
N ILE A 9 -29.66 23.18 -0.04
CA ILE A 9 -29.25 21.90 -0.62
C ILE A 9 -27.80 21.62 -0.25
N SER A 10 -27.56 20.48 0.41
CA SER A 10 -26.22 20.02 0.70
C SER A 10 -25.90 18.87 -0.26
N SER A 11 -24.95 19.09 -1.16
CA SER A 11 -24.57 18.14 -2.18
C SER A 11 -23.06 18.01 -2.26
N PRO A 12 -22.58 16.97 -2.92
CA PRO A 12 -21.11 16.83 -2.99
C PRO A 12 -20.43 18.02 -3.66
N SER A 13 -21.06 18.60 -4.69
CA SER A 13 -20.38 19.62 -5.45
C SER A 13 -20.14 20.89 -4.63
N LYS A 14 -20.85 21.07 -3.52
CA LYS A 14 -20.55 22.15 -2.59
C LYS A 14 -19.99 21.63 -1.26
N THR A 15 -19.33 20.47 -1.29
CA THR A 15 -18.69 19.91 -0.11
C THR A 15 -17.21 19.71 -0.43
N HIS A 16 -16.35 20.21 0.46
CA HIS A 16 -14.93 20.33 0.19
C HIS A 16 -14.20 19.36 1.11
N ILE A 17 -13.53 18.37 0.52
CA ILE A 17 -12.73 17.37 1.25
C ILE A 17 -11.24 17.69 1.13
N LEU A 18 -10.55 17.77 2.27
CA LEU A 18 -9.09 17.90 2.32
C LEU A 18 -8.44 16.53 2.53
N ALA A 19 -7.34 16.28 1.81
CA ALA A 19 -6.61 15.02 1.94
C ALA A 19 -5.12 15.31 2.10
N PHE A 20 -4.48 14.59 3.02
CA PHE A 20 -3.08 14.83 3.39
C PHE A 20 -2.38 13.49 3.65
N PRO A 21 -1.68 12.96 2.65
CA PRO A 21 -0.96 11.70 2.85
C PRO A 21 0.42 11.90 3.48
N PHE A 22 0.90 10.84 4.12
CA PHE A 22 2.31 10.79 4.49
C PHE A 22 3.15 10.78 3.23
N PRO A 23 4.23 11.55 3.18
CA PRO A 23 4.95 11.75 1.90
C PRO A 23 5.83 10.56 1.51
N GLU A 24 5.18 9.44 1.21
CA GLU A 24 5.85 8.30 0.59
C GLU A 24 4.87 7.65 -0.38
N LYS A 25 5.40 7.02 -1.42
CA LYS A 25 4.55 6.58 -2.53
C LYS A 25 3.54 5.53 -2.10
N GLY A 26 3.90 4.70 -1.12
CA GLY A 26 2.97 3.71 -0.61
C GLY A 26 1.81 4.31 0.17
N HIS A 27 1.93 5.57 0.58
CA HIS A 27 0.88 6.33 1.26
C HIS A 27 0.17 7.31 0.33
N ILE A 28 0.94 7.94 -0.56
CA ILE A 28 0.38 8.86 -1.53
C ILE A 28 -0.55 8.14 -2.49
N ASN A 29 -0.09 7.03 -3.07
CA ASN A 29 -0.84 6.39 -4.15
C ASN A 29 -2.23 5.98 -3.69
N PRO A 30 -2.41 5.24 -2.60
CA PRO A 30 -3.79 4.86 -2.21
C PRO A 30 -4.66 6.05 -1.87
N MET A 31 -4.07 7.13 -1.35
CA MET A 31 -4.85 8.33 -1.05
C MET A 31 -5.29 9.03 -2.34
N LEU A 32 -4.41 9.08 -3.34
CA LEU A 32 -4.75 9.69 -4.63
C LEU A 32 -5.93 8.98 -5.25
N HIS A 33 -5.88 7.64 -5.31
CA HIS A 33 -6.99 6.86 -5.85
C HIS A 33 -8.29 7.18 -5.12
N LEU A 34 -8.23 7.28 -3.79
CA LEU A 34 -9.43 7.59 -3.02
C LEU A 34 -9.94 8.98 -3.38
N CYS A 35 -9.03 9.95 -3.53
CA CYS A 35 -9.42 11.28 -3.97
C CYS A 35 -10.07 11.24 -5.34
N ASN A 36 -9.52 10.42 -6.25
CA ASN A 36 -10.13 10.25 -7.57
C ASN A 36 -11.57 9.76 -7.45
N ARG A 37 -11.79 8.72 -6.64
CA ARG A 37 -13.14 8.21 -6.45
C ARG A 37 -14.07 9.26 -5.83
N LEU A 38 -13.57 10.04 -4.87
CA LEU A 38 -14.40 11.05 -4.22
C LEU A 38 -14.71 12.21 -5.16
N ALA A 39 -13.75 12.62 -5.98
CA ALA A 39 -14.03 13.67 -6.94
C ALA A 39 -15.06 13.21 -7.97
N SER A 40 -15.00 11.93 -8.37
CA SER A 40 -15.94 11.42 -9.34
C SER A 40 -17.36 11.33 -8.77
N LYS A 41 -17.54 11.31 -7.45
CA LYS A 41 -18.84 11.50 -6.83
C LYS A 41 -19.29 12.96 -6.81
N GLY A 42 -18.45 13.88 -7.28
CA GLY A 42 -18.80 15.28 -7.34
C GLY A 42 -18.16 16.13 -6.27
N PHE A 43 -17.44 15.53 -5.32
CA PHE A 43 -16.88 16.34 -4.24
C PHE A 43 -15.77 17.25 -4.75
N ARG A 44 -15.62 18.40 -4.10
CA ARG A 44 -14.41 19.20 -4.25
C ARG A 44 -13.34 18.59 -3.35
N VAL A 45 -12.20 18.22 -3.93
CA VAL A 45 -11.12 17.53 -3.23
C VAL A 45 -9.83 18.32 -3.41
N THR A 46 -9.17 18.66 -2.30
CA THR A 46 -7.86 19.30 -2.27
C THR A 46 -6.84 18.35 -1.64
N LEU A 47 -5.83 17.99 -2.41
CA LEU A 47 -4.76 17.11 -1.96
C LEU A 47 -3.59 17.97 -1.50
N ILE A 48 -3.22 17.86 -0.23
CA ILE A 48 -2.08 18.59 0.34
C ILE A 48 -0.88 17.65 0.44
N THR A 49 0.27 18.09 -0.08
CA THR A 49 1.44 17.23 -0.07
C THR A 49 2.70 18.08 0.10
N THR A 50 3.77 17.44 0.59
CA THR A 50 5.04 18.14 0.82
C THR A 50 5.65 18.54 -0.51
N ILE A 51 6.30 19.70 -0.51
CA ILE A 51 6.95 20.24 -1.72
C ILE A 51 7.78 19.18 -2.43
N SER A 52 8.53 18.35 -1.68
CA SER A 52 9.41 17.38 -2.32
C SER A 52 8.67 16.23 -2.97
N THR A 53 7.39 16.01 -2.64
CA THR A 53 6.58 15.03 -3.37
C THR A 53 5.60 15.70 -4.34
N TYR A 54 5.55 17.04 -4.38
CA TYR A 54 4.53 17.74 -5.16
C TYR A 54 4.61 17.38 -6.64
N LYS A 55 5.81 17.50 -7.23
CA LYS A 55 5.95 17.23 -8.66
C LYS A 55 5.54 15.81 -8.99
N ASP A 56 5.87 14.87 -8.10
CA ASP A 56 5.44 13.50 -8.26
C ASP A 56 3.93 13.42 -8.42
N VAL A 57 3.19 14.00 -7.47
CA VAL A 57 1.73 13.92 -7.51
C VAL A 57 1.17 14.68 -8.70
N LYS A 58 1.73 15.86 -8.99
CA LYS A 58 1.25 16.63 -10.15
C LYS A 58 1.31 15.79 -11.42
N ASN A 59 2.42 15.07 -11.64
CA ASN A 59 2.55 14.23 -12.82
C ASN A 59 1.59 13.05 -12.80
N LYS A 60 1.11 12.61 -11.62
CA LYS A 60 0.24 11.45 -11.57
C LYS A 60 -1.21 11.79 -11.85
N ILE A 61 -1.58 13.06 -11.75
CA ILE A 61 -2.97 13.47 -11.97
C ILE A 61 -3.16 13.91 -13.41
N ILE A 70 -9.05 17.59 -9.23
CA ILE A 70 -8.41 17.58 -7.91
C ILE A 70 -7.49 18.79 -7.72
N ASN A 71 -7.77 19.57 -6.68
CA ASN A 71 -6.96 20.71 -6.30
C ASN A 71 -5.74 20.24 -5.52
N LEU A 72 -4.61 20.89 -5.75
CA LEU A 72 -3.32 20.41 -5.25
C LEU A 72 -2.65 21.55 -4.52
N GLU A 73 -2.34 21.33 -3.24
CA GLU A 73 -1.63 22.28 -2.40
C GLU A 73 -0.31 21.68 -1.95
N SER A 74 0.74 22.49 -1.93
CA SER A 74 2.02 22.05 -1.40
C SER A 74 2.28 22.71 -0.05
N ILE A 75 3.01 22.00 0.80
CA ILE A 75 3.48 22.53 2.07
C ILE A 75 4.97 22.21 2.20
N PRO A 76 5.68 22.95 3.05
CA PRO A 76 7.11 22.70 3.21
C PRO A 76 7.39 21.27 3.68
N ASP A 77 8.57 20.77 3.30
CA ASP A 77 8.96 19.40 3.67
C ASP A 77 8.98 19.23 5.18
N GLY A 78 9.33 20.29 5.91
CA GLY A 78 9.43 20.21 7.36
C GLY A 78 10.69 19.56 7.88
N THR A 79 11.75 19.49 7.07
CA THR A 79 13.00 18.85 7.47
C THR A 79 14.17 19.34 6.62
N LEU A 83 19.69 15.45 11.18
CA LEU A 83 18.98 15.00 12.38
C LEU A 83 18.72 13.49 12.31
N GLY A 84 18.75 12.84 13.48
CA GLY A 84 18.36 11.45 13.57
C GLY A 84 16.86 11.28 13.34
N MET A 85 16.43 10.02 13.45
CA MET A 85 15.04 9.68 13.17
C MET A 85 14.08 10.46 14.05
N ASN A 86 14.41 10.61 15.33
CA ASN A 86 13.50 11.25 16.28
C ASN A 86 13.38 12.74 16.03
N GLY A 87 14.50 13.43 15.89
CA GLY A 87 14.46 14.86 15.60
C GLY A 87 13.83 15.16 14.26
N TYR A 88 14.26 14.44 13.22
CA TYR A 88 13.67 14.54 11.89
C TYR A 88 12.15 14.53 11.99
N PHE A 89 11.62 13.64 12.82
CA PHE A 89 10.17 13.44 12.86
C PHE A 89 9.43 14.42 13.76
N ASN A 90 10.05 14.89 14.84
CA ASN A 90 9.38 15.90 15.65
C ASN A 90 9.26 17.22 14.89
N GLN A 91 10.33 17.60 14.20
CA GLN A 91 10.28 18.75 13.29
C GLN A 91 9.16 18.56 12.27
N PHE A 92 9.14 17.40 11.61
CA PHE A 92 8.13 17.11 10.60
C PHE A 92 6.73 17.30 11.16
N LYS A 93 6.42 16.66 12.29
CA LYS A 93 5.09 16.77 12.89
C LYS A 93 4.76 18.22 13.24
N ASN A 94 5.73 18.97 13.74
CA ASN A 94 5.48 20.36 14.11
C ASN A 94 5.25 21.23 12.89
N SER A 95 6.03 21.03 11.83
CA SER A 95 5.90 21.87 10.64
C SER A 95 4.58 21.60 9.93
N VAL A 96 4.24 20.33 9.69
CA VAL A 96 3.03 20.04 8.95
C VAL A 96 1.78 20.34 9.78
N THR A 97 1.88 20.36 11.11
CA THR A 97 0.73 20.74 11.94
C THR A 97 0.32 22.19 11.65
N GLU A 98 1.28 23.12 11.75
CA GLU A 98 0.98 24.52 11.48
C GLU A 98 0.71 24.75 9.99
N SER A 99 1.43 24.07 9.11
CA SER A 99 1.17 24.21 7.68
C SER A 99 -0.28 23.85 7.36
N VAL A 100 -0.70 22.64 7.75
CA VAL A 100 -2.04 22.20 7.37
C VAL A 100 -3.10 23.04 8.06
N ALA A 101 -2.83 23.49 9.29
CA ALA A 101 -3.76 24.35 10.00
C ALA A 101 -3.95 25.66 9.26
N GLY A 102 -2.86 26.23 8.75
CA GLY A 102 -2.97 27.43 7.95
C GLY A 102 -3.91 27.24 6.78
N ILE A 103 -3.78 26.11 6.08
CA ILE A 103 -4.59 25.86 4.90
C ILE A 103 -6.07 25.79 5.27
N ILE A 104 -6.40 24.98 6.28
CA ILE A 104 -7.78 24.91 6.75
C ILE A 104 -8.35 26.31 6.96
N GLU A 105 -7.56 27.21 7.54
CA GLU A 105 -8.07 28.52 7.89
C GLU A 105 -8.19 29.42 6.67
N GLU A 106 -7.21 29.37 5.75
CA GLU A 106 -7.37 30.07 4.49
C GLU A 106 -8.64 29.64 3.78
N TYR A 107 -8.92 28.33 3.73
CA TYR A 107 -10.12 27.83 3.07
C TYR A 107 -11.39 28.13 3.85
N LYS A 108 -11.30 28.34 5.16
CA LYS A 108 -12.51 28.66 5.92
C LYS A 108 -12.97 30.08 5.66
N LEU A 109 -12.05 30.99 5.34
CA LEU A 109 -12.38 32.37 5.01
C LEU A 109 -12.45 32.61 3.50
N GLY A 110 -12.02 31.66 2.68
CA GLY A 110 -12.07 31.83 1.25
C GLY A 110 -13.49 31.95 0.75
N HIS A 111 -13.61 32.39 -0.51
CA HIS A 111 -14.90 32.56 -1.15
C HIS A 111 -15.09 31.67 -2.37
N ASP A 112 -14.01 31.17 -2.97
CA ASP A 112 -14.15 30.29 -4.13
C ASP A 112 -14.69 28.94 -3.68
N PHE A 113 -13.79 28.03 -3.29
CA PHE A 113 -14.18 26.71 -2.86
C PHE A 113 -15.05 26.79 -1.60
N PRO A 114 -15.75 25.71 -1.27
CA PRO A 114 -16.44 25.63 0.02
C PRO A 114 -15.44 25.46 1.15
N PRO A 115 -15.78 25.87 2.36
CA PRO A 115 -14.89 25.63 3.48
C PRO A 115 -14.74 24.14 3.72
N PRO A 116 -13.64 23.72 4.34
CA PRO A 116 -13.39 22.27 4.48
C PRO A 116 -14.42 21.64 5.40
N LYS A 117 -14.96 20.50 4.97
CA LYS A 117 -15.84 19.73 5.85
C LYS A 117 -15.09 18.62 6.60
N VAL A 118 -14.03 18.08 6.02
CA VAL A 118 -13.34 16.93 6.62
C VAL A 118 -11.88 16.97 6.17
N LEU A 119 -11.00 16.43 7.01
CA LEU A 119 -9.61 16.21 6.62
C LEU A 119 -9.35 14.71 6.65
N ILE A 120 -9.03 14.14 5.50
CA ILE A 120 -8.54 12.76 5.41
C ILE A 120 -7.03 12.83 5.56
N TYR A 121 -6.52 12.24 6.64
CA TYR A 121 -5.09 12.25 6.95
C TYR A 121 -4.58 10.81 7.10
N ASP A 122 -3.29 10.65 6.90
CA ASP A 122 -2.66 9.34 6.98
C ASP A 122 -2.71 8.82 8.42
N SER A 123 -3.08 7.54 8.58
CA SER A 123 -3.23 6.98 9.92
C SER A 123 -1.95 7.13 10.76
N THR A 124 -0.78 7.22 10.11
CA THR A 124 0.47 7.35 10.86
C THR A 124 0.72 8.78 11.35
N MET A 125 -0.17 9.72 11.04
CA MET A 125 -0.07 11.10 11.53
C MET A 125 -1.26 11.40 12.45
N PRO A 126 -1.39 10.66 13.56
CA PRO A 126 -2.61 10.76 14.38
C PRO A 126 -2.81 12.13 14.96
N TRP A 127 -1.75 12.90 15.13
CA TRP A 127 -1.88 14.25 15.66
C TRP A 127 -2.69 15.16 14.75
N MET A 128 -2.94 14.74 13.50
CA MET A 128 -3.73 15.55 12.57
C MET A 128 -5.21 15.54 12.92
N LEU A 129 -5.66 14.54 13.69
CA LEU A 129 -7.01 14.56 14.23
C LEU A 129 -7.21 15.78 15.11
N ASP A 130 -6.17 16.19 15.84
CA ASP A 130 -6.24 17.35 16.70
C ASP A 130 -6.21 18.64 15.91
N VAL A 131 -5.55 18.66 14.75
CA VAL A 131 -5.65 19.81 13.87
C VAL A 131 -7.07 19.93 13.32
N ALA A 132 -7.63 18.81 12.85
CA ALA A 132 -8.97 18.83 12.29
C ALA A 132 -9.98 19.31 13.33
N HIS A 133 -10.01 18.66 14.49
CA HIS A 133 -10.99 19.02 15.51
C HIS A 133 -10.71 20.41 16.06
N GLY A 134 -9.42 20.78 16.21
CA GLY A 134 -9.09 22.10 16.68
C GLY A 134 -9.54 23.21 15.75
N HIS A 135 -9.78 22.91 14.49
CA HIS A 135 -10.28 23.90 13.56
C HIS A 135 -11.72 23.64 13.15
N GLY A 136 -12.43 22.78 13.87
CA GLY A 136 -13.86 22.64 13.70
C GLY A 136 -14.32 21.77 12.55
N ILE A 137 -13.46 20.92 11.98
CA ILE A 137 -13.85 20.05 10.89
C ILE A 137 -13.69 18.60 11.32
N LEU A 138 -14.23 17.69 10.51
CA LEU A 138 -14.14 16.29 10.86
C LEU A 138 -12.78 15.72 10.47
N GLY A 139 -12.45 14.58 11.07
CA GLY A 139 -11.23 13.86 10.76
C GLY A 139 -11.49 12.43 10.34
N ALA A 140 -10.91 12.04 9.21
CA ALA A 140 -10.93 10.65 8.74
C ALA A 140 -9.50 10.15 8.66
N SER A 141 -9.21 9.04 9.36
CA SER A 141 -7.88 8.43 9.36
C SER A 141 -7.84 7.32 8.32
N LEU A 142 -6.92 7.44 7.37
CA LEU A 142 -6.77 6.45 6.32
C LEU A 142 -5.60 5.54 6.69
N PHE A 143 -5.92 4.28 7.01
CA PHE A 143 -4.92 3.23 7.14
C PHE A 143 -4.52 2.72 5.76
N THR A 144 -3.22 2.60 5.53
CA THR A 144 -2.72 2.07 4.27
C THR A 144 -2.16 0.65 4.43
N GLN A 145 -2.48 0.00 5.53
CA GLN A 145 -2.09 -1.36 5.88
C GLN A 145 -3.33 -2.24 5.97
N PRO A 146 -3.25 -3.55 5.75
CA PRO A 146 -4.44 -4.40 5.93
C PRO A 146 -4.92 -4.38 7.39
N CYS A 147 -6.19 -4.76 7.57
CA CYS A 147 -6.76 -4.90 8.91
C CYS A 147 -5.94 -5.86 9.78
N CYS A 148 -5.47 -6.97 9.21
CA CYS A 148 -4.89 -8.01 10.07
C CYS A 148 -3.64 -7.50 10.78
N VAL A 149 -2.70 -6.90 10.03
CA VAL A 149 -1.48 -6.44 10.67
C VAL A 149 -1.78 -5.23 11.54
N SER A 150 -2.82 -4.46 11.20
CA SER A 150 -3.15 -3.27 11.98
C SER A 150 -3.58 -3.66 13.38
N VAL A 151 -4.36 -4.73 13.52
CA VAL A 151 -4.80 -5.14 14.86
C VAL A 151 -3.62 -5.69 15.64
N VAL A 152 -2.61 -6.22 14.96
CA VAL A 152 -1.39 -6.60 15.67
C VAL A 152 -0.78 -5.38 16.32
N TYR A 153 -0.78 -4.23 15.61
CA TYR A 153 -0.25 -3.00 16.20
C TYR A 153 -1.06 -2.58 17.42
N TYR A 154 -2.38 -2.73 17.35
CA TYR A 154 -3.23 -2.38 18.49
C TYR A 154 -2.89 -3.25 19.71
N HIS A 155 -2.78 -4.56 19.52
CA HIS A 155 -2.46 -5.42 20.66
C HIS A 155 -1.10 -5.06 21.24
N MET A 156 -0.14 -4.73 20.38
CA MET A 156 1.17 -4.30 20.86
C MET A 156 1.07 -3.03 21.67
N LEU A 157 0.26 -2.05 21.21
CA LEU A 157 0.04 -0.85 22.00
C LEU A 157 -0.59 -1.19 23.34
N GLN A 158 -1.53 -2.12 23.35
CA GLN A 158 -2.18 -2.53 24.60
C GLN A 158 -1.23 -3.38 25.42
N ILE A 161 -0.16 -8.56 26.12
CA ILE A 161 0.42 -9.68 25.41
C ILE A 161 1.91 -9.42 25.16
N ASP A 162 2.75 -10.39 25.52
CA ASP A 162 4.20 -10.24 25.43
C ASP A 162 4.66 -10.47 23.99
N PHE A 163 5.15 -9.42 23.34
CA PHE A 163 5.66 -9.52 21.98
C PHE A 163 7.18 -9.57 21.91
N HIS A 164 7.88 -9.50 23.04
CA HIS A 164 9.32 -9.72 23.03
C HIS A 164 9.61 -11.12 22.50
N ARG A 165 10.78 -11.28 21.87
CA ARG A 165 11.15 -12.55 21.23
C ARG A 165 12.63 -12.79 21.41
N GLU A 166 12.98 -13.83 22.19
CA GLU A 166 14.35 -14.35 22.25
C GLU A 166 14.51 -15.50 21.26
N GLN A 167 14.34 -15.17 19.97
CA GLN A 167 14.27 -16.17 18.91
C GLN A 167 15.41 -17.20 18.98
N SER A 168 16.52 -16.89 19.67
CA SER A 168 17.64 -17.81 19.75
C SER A 168 17.40 -18.92 20.76
N SER A 169 16.50 -18.71 21.73
CA SER A 169 16.29 -19.68 22.80
C SER A 169 15.19 -20.70 22.49
N SER A 170 14.15 -20.30 21.76
CA SER A 170 12.98 -21.14 21.50
C SER A 170 12.08 -20.42 20.52
N SER A 171 11.18 -21.16 19.88
CA SER A 171 10.25 -20.60 18.91
C SER A 171 8.90 -20.36 19.58
N LYS A 172 8.30 -19.22 19.29
CA LYS A 172 7.00 -18.89 19.86
C LYS A 172 5.96 -18.75 18.77
N VAL A 173 4.71 -19.03 19.12
CA VAL A 173 3.58 -18.85 18.22
C VAL A 173 2.50 -18.10 18.99
N LEU A 174 2.03 -17.00 18.42
CA LEU A 174 1.08 -16.12 19.09
C LEU A 174 -0.31 -16.32 18.52
N LEU A 175 -1.29 -16.46 19.42
CA LEU A 175 -2.69 -16.51 19.03
C LEU A 175 -3.37 -15.25 19.54
N LEU A 176 -4.00 -14.50 18.63
CA LEU A 176 -4.81 -13.33 18.93
C LEU A 176 -6.20 -13.50 18.34
N PRO A 177 -7.22 -12.91 18.96
CA PRO A 177 -8.59 -13.07 18.46
C PRO A 177 -8.71 -12.76 16.98
N CYS A 178 -9.29 -13.70 16.24
CA CYS A 178 -9.69 -13.50 14.84
C CYS A 178 -8.49 -13.40 13.91
N LEU A 179 -7.36 -14.00 14.29
CA LEU A 179 -6.16 -14.09 13.47
C LEU A 179 -5.69 -15.53 13.46
N PRO A 180 -5.12 -16.02 12.34
CA PRO A 180 -4.46 -17.33 12.35
C PRO A 180 -3.27 -17.30 13.29
N PRO A 181 -2.77 -18.46 13.73
CA PRO A 181 -1.55 -18.46 14.55
C PRO A 181 -0.41 -17.80 13.79
N LEU A 182 0.37 -16.99 14.51
CA LEU A 182 1.48 -16.26 13.90
C LEU A 182 2.81 -16.75 14.47
N GLU A 183 3.66 -17.31 13.61
CA GLU A 183 5.02 -17.58 14.05
C GLU A 183 5.79 -16.27 14.20
N ASP A 184 6.98 -16.37 14.81
CA ASP A 184 7.86 -15.22 14.97
C ASP A 184 8.14 -14.52 13.64
N ARG A 185 8.29 -15.29 12.56
CA ARG A 185 8.61 -14.68 11.28
C ARG A 185 7.39 -14.07 10.61
N ASP A 186 6.19 -14.25 11.17
CA ASP A 186 4.96 -13.66 10.63
C ASP A 186 4.62 -12.33 11.27
N LEU A 187 5.26 -11.99 12.39
CA LEU A 187 5.00 -10.73 13.05
C LEU A 187 5.63 -9.60 12.24
N PRO A 188 5.19 -8.36 12.47
CA PRO A 188 5.82 -7.22 11.78
C PRO A 188 7.30 -7.14 12.11
N GLU A 189 8.10 -6.82 11.11
CA GLU A 189 9.56 -6.86 11.23
C GLU A 189 10.06 -5.44 11.55
N PHE A 190 10.60 -5.27 12.76
CA PHE A 190 11.17 -4.00 13.18
C PHE A 190 12.66 -4.04 13.41
N ASP A 191 13.23 -5.22 13.70
CA ASP A 191 14.64 -5.29 14.05
C ASP A 191 15.52 -4.89 12.87
N TYR A 192 15.03 -5.07 11.66
CA TYR A 192 15.71 -4.57 10.47
C TYR A 192 16.26 -3.17 10.69
N PHE A 193 15.48 -2.29 11.31
CA PHE A 193 15.88 -0.90 11.47
C PHE A 193 16.89 -0.70 12.61
N LYS A 194 17.31 -1.80 13.25
CA LYS A 194 18.37 -1.77 14.25
C LYS A 194 18.12 -0.69 15.30
N GLU A 195 19.00 0.32 15.35
CA GLU A 195 18.88 1.37 16.34
C GLU A 195 17.50 2.01 16.32
N ASP A 196 16.95 2.21 15.11
CA ASP A 196 15.68 2.91 14.94
C ASP A 196 14.48 1.98 15.01
N SER A 197 14.64 0.74 15.47
CA SER A 197 13.49 -0.17 15.51
C SER A 197 12.40 0.37 16.41
N GLY A 198 12.78 0.89 17.58
CA GLY A 198 11.81 1.47 18.49
C GLY A 198 11.03 2.60 17.86
N PHE A 199 11.70 3.46 17.10
CA PHE A 199 11.01 4.55 16.41
C PHE A 199 9.95 4.01 15.48
N VAL A 200 10.32 3.10 14.57
CA VAL A 200 9.36 2.59 13.59
C VAL A 200 8.21 1.88 14.29
N SER A 201 8.52 1.13 15.34
CA SER A 201 7.49 0.45 16.12
C SER A 201 6.47 1.45 16.67
N ASN A 202 6.93 2.48 17.39
CA ASN A 202 6.00 3.47 17.96
C ASN A 202 5.17 4.14 16.88
N LEU A 203 5.76 4.38 15.72
CA LEU A 203 5.00 5.02 14.64
C LEU A 203 3.74 4.22 14.30
N LEU A 204 3.86 2.89 14.26
CA LEU A 204 2.71 2.08 13.87
C LEU A 204 1.78 1.82 15.05
N LEU A 205 2.34 1.65 16.25
CA LEU A 205 1.50 1.51 17.43
C LEU A 205 0.65 2.76 17.65
N ASN A 206 1.23 3.95 17.50
CA ASN A 206 0.55 5.20 17.85
C ASN A 206 -0.61 5.52 16.92
N GLN A 207 -0.77 4.75 15.83
CA GLN A 207 -1.96 4.89 15.00
C GLN A 207 -3.23 4.73 15.79
N PHE A 208 -3.16 4.05 16.94
CA PHE A 208 -4.34 3.70 17.71
C PHE A 208 -4.49 4.55 18.96
N LEU A 209 -3.60 5.54 19.17
CA LEU A 209 -3.67 6.32 20.40
C LEU A 209 -5.00 7.06 20.54
N ASN A 210 -5.64 7.42 19.43
CA ASN A 210 -6.86 8.21 19.51
C ASN A 210 -7.98 7.55 18.71
N ILE A 211 -7.92 6.22 18.53
CA ILE A 211 -8.80 5.54 17.59
C ILE A 211 -10.26 5.80 17.94
N ASP A 212 -10.54 6.10 19.21
CA ASP A 212 -11.92 6.29 19.64
C ASP A 212 -12.45 7.68 19.30
N LYS A 213 -11.58 8.63 18.98
CA LYS A 213 -11.98 10.01 18.67
C LYS A 213 -12.03 10.30 17.17
N ILE A 214 -11.63 9.35 16.33
CA ILE A 214 -11.64 9.56 14.88
C ILE A 214 -13.07 9.51 14.36
N ASP A 215 -13.42 10.45 13.47
CA ASP A 215 -14.78 10.43 12.93
C ASP A 215 -14.98 9.32 11.91
N TYR A 216 -14.00 9.06 11.05
CA TYR A 216 -14.09 7.94 10.12
C TYR A 216 -12.76 7.19 10.14
N VAL A 217 -12.82 5.89 10.40
CA VAL A 217 -11.65 5.01 10.31
C VAL A 217 -11.73 4.28 8.96
N LEU A 218 -10.84 4.64 8.04
CA LEU A 218 -10.86 4.12 6.68
C LEU A 218 -9.71 3.12 6.51
N PHE A 219 -10.02 1.94 5.97
CA PHE A 219 -9.04 0.92 5.63
C PHE A 219 -9.13 0.60 4.14
N ASN A 220 -7.97 0.59 3.48
CA ASN A 220 -7.82 0.20 2.08
C ASN A 220 -7.73 -1.32 2.00
N THR A 221 -8.89 -1.94 2.16
CA THR A 221 -9.03 -3.37 2.07
C THR A 221 -10.49 -3.65 1.79
N PHE A 222 -10.84 -4.91 1.52
CA PHE A 222 -12.24 -5.24 1.32
C PHE A 222 -12.64 -6.36 2.24
N GLU A 223 -13.91 -6.29 2.65
CA GLU A 223 -14.38 -7.08 3.78
C GLU A 223 -14.23 -8.58 3.53
N MET A 224 -14.50 -9.04 2.31
CA MET A 224 -14.41 -10.47 2.05
C MET A 224 -12.98 -10.96 2.20
N LEU A 225 -12.01 -10.11 1.87
CA LEU A 225 -10.60 -10.50 2.01
C LEU A 225 -10.22 -10.73 3.47
N GLU A 226 -10.78 -9.94 4.39
CA GLU A 226 -10.41 -9.94 5.81
C GLU A 226 -11.63 -10.01 6.72
N SER A 227 -12.57 -10.90 6.42
CA SER A 227 -13.90 -10.74 7.01
C SER A 227 -13.88 -10.96 8.53
N GLU A 228 -13.15 -11.99 8.99
CA GLU A 228 -13.14 -12.25 10.42
C GLU A 228 -12.61 -11.06 11.19
N ILE A 229 -11.43 -10.57 10.82
CA ILE A 229 -10.86 -9.48 11.59
C ILE A 229 -11.57 -8.16 11.29
N ALA A 230 -12.03 -7.94 10.06
CA ALA A 230 -12.81 -6.74 9.78
C ALA A 230 -14.02 -6.65 10.70
N ASN A 231 -14.74 -7.77 10.87
CA ASN A 231 -15.90 -7.77 11.76
C ASN A 231 -15.50 -7.44 13.20
N TRP A 232 -14.47 -8.11 13.71
CA TRP A 232 -13.94 -7.80 15.04
C TRP A 232 -13.64 -6.31 15.18
N MET A 233 -13.03 -5.69 14.18
CA MET A 233 -12.76 -4.26 14.27
C MET A 233 -14.01 -3.42 14.05
N SER A 234 -14.93 -3.88 13.20
CA SER A 234 -16.18 -3.15 13.05
C SER A 234 -16.95 -3.10 14.37
N ASN A 235 -16.94 -4.19 15.13
CA ASN A 235 -17.59 -4.20 16.43
C ASN A 235 -16.95 -3.19 17.37
N LYS A 236 -15.62 -3.12 17.38
CA LYS A 236 -14.94 -2.25 18.34
C LYS A 236 -15.05 -0.79 17.95
N TRP A 237 -14.72 -0.45 16.68
CA TRP A 237 -14.53 0.94 16.28
C TRP A 237 -15.35 1.38 15.06
N LYS A 238 -16.22 0.54 14.51
CA LYS A 238 -17.05 0.92 13.37
C LYS A 238 -16.19 1.45 12.22
N ILE A 239 -15.21 0.64 11.81
CA ILE A 239 -14.34 1.00 10.70
C ILE A 239 -15.10 0.89 9.38
N LEU A 240 -14.54 1.49 8.34
CA LEU A 240 -15.09 1.46 7.00
C LEU A 240 -14.02 0.88 6.08
N THR A 241 -14.28 -0.31 5.56
CA THR A 241 -13.40 -0.91 4.57
C THR A 241 -13.87 -0.41 3.21
N ILE A 242 -12.96 0.26 2.49
CA ILE A 242 -13.32 1.03 1.30
C ILE A 242 -12.43 0.66 0.11
N GLY A 243 -11.63 -0.42 0.24
CA GLY A 243 -10.65 -0.75 -0.76
C GLY A 243 -11.05 -1.88 -1.67
N PRO A 244 -10.24 -2.15 -2.72
CA PRO A 244 -9.06 -1.34 -3.09
C PRO A 244 -9.49 0.02 -3.64
N THR A 245 -8.79 1.10 -3.25
CA THR A 245 -9.12 2.39 -3.81
C THR A 245 -8.68 2.53 -5.26
N ALA A 246 -7.68 1.76 -5.69
CA ALA A 246 -7.30 1.76 -7.09
C ALA A 246 -8.46 1.30 -7.96
N PRO A 247 -8.51 1.75 -9.21
CA PRO A 247 -9.65 1.38 -10.05
C PRO A 247 -9.54 -0.04 -10.58
N THR A 248 -10.71 -0.64 -10.81
CA THR A 248 -10.77 -1.88 -11.55
C THR A 248 -10.44 -1.61 -13.02
N ALA A 249 -10.31 -2.67 -13.80
CA ALA A 249 -10.16 -2.54 -15.26
C ALA A 249 -11.53 -2.34 -15.92
N LEU A 259 -3.50 6.27 -12.66
CA LEU A 259 -2.36 7.13 -12.37
C LEU A 259 -1.31 7.07 -13.49
N PHE A 260 -0.97 8.22 -14.06
CA PHE A 260 0.06 8.32 -15.08
C PHE A 260 1.41 8.14 -14.41
N GLU A 261 1.93 6.90 -14.44
CA GLU A 261 3.27 6.63 -13.93
C GLU A 261 4.31 6.71 -15.06
N THR A 262 5.58 6.72 -14.65
CA THR A 262 6.70 6.83 -15.57
C THR A 262 6.91 5.53 -16.35
N ASN A 263 7.39 5.67 -17.59
CA ASN A 263 7.77 4.56 -18.45
C ASN A 263 6.58 3.71 -18.91
N THR A 264 5.37 4.28 -18.93
CA THR A 264 4.20 3.49 -19.27
C THR A 264 4.33 2.92 -20.67
N GLU A 265 4.55 3.77 -21.66
CA GLU A 265 4.61 3.30 -23.04
C GLU A 265 5.72 2.26 -23.21
N VAL A 266 6.87 2.46 -22.58
CA VAL A 266 7.99 1.55 -22.78
C VAL A 266 7.62 0.14 -22.29
N CYS A 267 7.07 0.05 -21.08
CA CYS A 267 6.77 -1.26 -20.51
C CYS A 267 5.60 -1.92 -21.20
N MET A 268 4.63 -1.12 -21.66
CA MET A 268 3.48 -1.71 -22.34
C MET A 268 3.85 -2.22 -23.73
N LYS A 269 4.72 -1.50 -24.44
CA LYS A 269 5.19 -2.04 -25.71
C LYS A 269 5.97 -3.35 -25.49
N TRP A 270 6.90 -3.36 -24.54
CA TRP A 270 7.69 -4.57 -24.31
C TRP A 270 6.79 -5.74 -23.95
N LEU A 271 5.84 -5.53 -23.03
CA LEU A 271 4.94 -6.60 -22.62
C LEU A 271 4.03 -7.04 -23.75
N ASP A 272 3.59 -6.11 -24.61
CA ASP A 272 2.75 -6.47 -25.75
C ASP A 272 3.49 -7.40 -26.70
N GLU A 273 4.82 -7.42 -26.67
CA GLU A 273 5.59 -8.25 -27.59
C GLU A 273 5.92 -9.62 -27.00
N ARG A 274 5.48 -9.91 -25.78
CA ARG A 274 5.74 -11.21 -25.16
C ARG A 274 4.55 -12.14 -25.32
N GLU A 275 4.80 -13.43 -25.14
CA GLU A 275 3.74 -14.42 -25.12
C GLU A 275 2.88 -14.23 -23.88
N PRO A 276 1.60 -14.58 -23.93
CA PRO A 276 0.79 -14.57 -22.71
C PRO A 276 1.41 -15.45 -21.63
N ASN A 277 1.25 -15.02 -20.37
CA ASN A 277 1.62 -15.86 -19.23
C ASN A 277 3.09 -16.26 -19.28
N SER A 278 3.95 -15.34 -19.73
CA SER A 278 5.35 -15.68 -19.91
C SER A 278 6.33 -14.80 -19.14
N VAL A 279 5.85 -13.77 -18.43
CA VAL A 279 6.72 -12.76 -17.83
C VAL A 279 6.65 -12.86 -16.31
N ILE A 280 7.81 -12.95 -15.67
CA ILE A 280 7.90 -12.73 -14.23
C ILE A 280 8.15 -11.24 -14.00
N TYR A 281 7.22 -10.58 -13.30
CA TYR A 281 7.37 -9.18 -12.93
C TYR A 281 7.96 -9.11 -11.53
N VAL A 282 9.08 -8.39 -11.39
CA VAL A 282 9.83 -8.32 -10.15
C VAL A 282 9.91 -6.86 -9.71
N SER A 283 9.52 -6.59 -8.46
CA SER A 283 9.68 -5.24 -7.93
C SER A 283 9.69 -5.28 -6.41
N PHE A 284 10.58 -4.49 -5.82
CA PHE A 284 10.66 -4.43 -4.37
C PHE A 284 10.18 -3.07 -3.85
N GLY A 285 9.30 -2.42 -4.61
CA GLY A 285 8.63 -1.22 -4.14
C GLY A 285 9.52 0.00 -4.28
N SER A 286 9.15 1.05 -3.56
CA SER A 286 9.76 2.36 -3.71
C SER A 286 10.81 2.69 -2.65
N ILE A 287 10.90 1.94 -1.55
CA ILE A 287 11.77 2.28 -0.42
C ILE A 287 12.82 1.21 -0.13
N ALA A 288 12.48 -0.07 -0.29
CA ALA A 288 13.35 -1.15 0.16
C ALA A 288 14.63 -1.23 -0.68
N SER A 289 15.75 -1.55 -0.03
CA SER A 289 17.04 -1.63 -0.69
C SER A 289 17.70 -2.96 -0.30
N LEU A 290 18.01 -3.78 -1.30
CA LEU A 290 18.58 -5.10 -1.07
C LEU A 290 20.09 -5.06 -1.15
N THR A 291 20.73 -5.95 -0.40
CA THR A 291 22.18 -6.04 -0.42
C THR A 291 22.67 -6.46 -1.81
N GLU A 292 23.95 -6.21 -2.07
CA GLU A 292 24.47 -6.58 -3.39
C GLU A 292 24.45 -8.10 -3.57
N GLN A 293 24.67 -8.86 -2.49
CA GLN A 293 24.58 -10.32 -2.59
C GLN A 293 23.15 -10.77 -2.90
N GLN A 294 22.16 -10.16 -2.26
CA GLN A 294 20.77 -10.49 -2.56
C GLN A 294 20.42 -10.16 -4.01
N MET A 295 20.98 -9.07 -4.55
CA MET A 295 20.74 -8.73 -5.95
C MET A 295 21.38 -9.76 -6.89
N GLU A 296 22.59 -10.21 -6.58
CA GLU A 296 23.25 -11.25 -7.37
C GLU A 296 22.41 -12.53 -7.40
N GLU A 297 21.89 -12.96 -6.25
CA GLU A 297 21.06 -14.16 -6.23
C GLU A 297 19.84 -14.01 -7.14
N ILE A 298 19.07 -12.92 -6.96
CA ILE A 298 17.88 -12.72 -7.79
C ILE A 298 18.28 -12.66 -9.25
N SER A 299 19.34 -11.93 -9.56
CA SER A 299 19.84 -11.83 -10.91
C SER A 299 20.10 -13.22 -11.52
N GLN A 300 20.83 -14.07 -10.79
CA GLN A 300 21.21 -15.36 -11.34
C GLN A 300 19.98 -16.24 -11.54
N ALA A 301 19.00 -16.15 -10.64
CA ALA A 301 17.75 -16.87 -10.85
C ALA A 301 17.07 -16.43 -12.15
N LEU A 302 16.92 -15.12 -12.33
CA LEU A 302 16.11 -14.63 -13.43
C LEU A 302 16.75 -14.93 -14.78
N PHE A 303 18.08 -14.97 -14.82
CA PHE A 303 18.75 -15.18 -16.09
C PHE A 303 18.82 -16.65 -16.50
N THR A 304 18.38 -17.59 -15.64
CA THR A 304 18.39 -19.02 -15.95
C THR A 304 17.01 -19.66 -15.93
N THR A 305 15.99 -18.94 -15.50
CA THR A 305 14.63 -19.46 -15.45
C THR A 305 14.05 -19.59 -16.85
N ASN A 306 13.01 -20.43 -16.98
CA ASN A 306 12.31 -20.60 -18.27
C ASN A 306 11.25 -19.52 -18.52
N PHE A 307 11.50 -18.28 -18.14
CA PHE A 307 10.50 -17.23 -18.30
C PHE A 307 11.17 -15.93 -18.68
N ASN A 308 10.38 -15.05 -19.30
CA ASN A 308 10.80 -13.68 -19.49
C ASN A 308 10.72 -12.96 -18.15
N PHE A 309 11.38 -11.81 -18.04
CA PHE A 309 11.23 -11.05 -16.80
C PHE A 309 11.26 -9.55 -17.05
N LEU A 310 10.53 -8.82 -16.20
CA LEU A 310 10.51 -7.38 -16.15
C LEU A 310 10.86 -6.99 -14.71
N TRP A 311 12.03 -6.39 -14.52
CA TRP A 311 12.60 -6.18 -13.20
C TRP A 311 12.80 -4.68 -12.99
N VAL A 312 12.08 -4.13 -12.01
CA VAL A 312 12.23 -2.74 -11.64
C VAL A 312 13.36 -2.64 -10.63
N VAL A 313 14.42 -1.92 -11.00
CA VAL A 313 15.51 -1.55 -10.11
C VAL A 313 15.64 -0.03 -10.15
N ARG A 314 15.25 0.63 -9.05
CA ARG A 314 15.34 2.08 -8.98
C ARG A 314 16.76 2.55 -9.26
N GLU A 315 16.86 3.76 -9.82
CA GLU A 315 18.16 4.34 -10.13
C GLU A 315 19.11 4.24 -8.93
N GLU A 316 18.63 4.64 -7.74
CA GLU A 316 19.46 4.61 -6.54
C GLU A 316 20.01 3.22 -6.23
N GLU A 317 19.41 2.15 -6.76
CA GLU A 317 19.83 0.79 -6.47
C GLU A 317 20.69 0.16 -7.56
N ARG A 318 20.85 0.82 -8.71
CA ARG A 318 21.54 0.21 -9.85
C ARG A 318 22.96 -0.21 -9.51
N THR A 319 23.66 0.59 -8.70
CA THR A 319 25.06 0.29 -8.38
C THR A 319 25.22 -0.97 -7.54
N LYS A 320 24.15 -1.47 -6.94
CA LYS A 320 24.18 -2.72 -6.20
C LYS A 320 23.95 -3.94 -7.08
N LEU A 321 23.65 -3.77 -8.36
CA LEU A 321 23.52 -4.88 -9.30
C LEU A 321 24.89 -5.49 -9.57
N PRO A 322 24.95 -6.75 -10.01
CA PRO A 322 26.25 -7.39 -10.27
C PRO A 322 27.02 -6.67 -11.37
N ASN A 323 28.28 -6.38 -11.10
CA ASN A 323 29.13 -5.65 -12.03
C ASN A 323 29.19 -6.30 -13.42
N ASN A 334 24.98 4.74 -15.12
CA ASN A 334 23.97 3.69 -14.94
C ASN A 334 22.74 3.95 -15.79
N PRO A 335 22.51 3.10 -16.79
CA PRO A 335 21.43 3.35 -17.74
C PRO A 335 20.05 3.25 -17.10
N SER A 336 19.08 3.95 -17.71
CA SER A 336 17.70 3.92 -17.21
C SER A 336 17.01 2.61 -17.49
N SER A 337 17.47 1.86 -18.49
CA SER A 337 16.87 0.57 -18.80
C SER A 337 17.89 -0.25 -19.57
N GLU A 338 17.69 -1.57 -19.55
CA GLU A 338 18.60 -2.51 -20.18
C GLU A 338 17.80 -3.71 -20.67
N SER A 339 18.14 -4.20 -21.85
CA SER A 339 17.47 -5.35 -22.44
C SER A 339 18.43 -6.53 -22.49
N PHE A 340 17.87 -7.73 -22.36
CA PHE A 340 18.66 -8.95 -22.22
C PHE A 340 18.00 -10.10 -22.97
N THR A 341 18.82 -10.93 -23.61
CA THR A 341 18.46 -12.32 -23.87
C THR A 341 19.13 -13.15 -22.78
N THR A 342 18.33 -13.95 -22.07
CA THR A 342 18.81 -14.70 -20.90
C THR A 342 19.51 -15.98 -21.35
N ALA A 343 20.21 -16.61 -20.40
CA ALA A 343 20.86 -17.90 -20.66
C ALA A 343 19.86 -18.97 -21.08
N ALA A 344 18.60 -18.82 -20.73
CA ALA A 344 17.55 -19.76 -21.09
C ALA A 344 16.92 -19.43 -22.43
N GLY A 345 17.49 -18.49 -23.18
CA GLY A 345 16.89 -18.05 -24.42
C GLY A 345 15.72 -17.09 -24.30
N LYS A 346 15.40 -16.60 -23.09
CA LYS A 346 14.26 -15.70 -22.90
C LYS A 346 14.69 -14.23 -22.94
N LEU A 347 13.76 -13.33 -22.63
CA LEU A 347 13.98 -11.90 -22.71
C LEU A 347 13.77 -11.24 -21.36
N GLY A 348 14.63 -10.27 -21.06
CA GLY A 348 14.54 -9.56 -19.80
C GLY A 348 14.65 -8.07 -20.03
N LEU A 349 13.97 -7.32 -19.17
CA LEU A 349 14.04 -5.88 -19.17
C LEU A 349 14.27 -5.43 -17.74
N ILE A 350 15.35 -4.68 -17.52
CA ILE A 350 15.57 -3.98 -16.27
C ILE A 350 15.33 -2.51 -16.53
N ILE A 351 14.55 -1.89 -15.64
CA ILE A 351 14.06 -0.54 -15.87
C ILE A 351 13.88 0.12 -14.51
N ASN A 352 14.07 1.43 -14.46
CA ASN A 352 14.04 2.15 -13.19
C ASN A 352 12.64 2.30 -12.61
N TRP A 353 11.59 2.13 -13.39
CA TRP A 353 10.22 2.34 -12.90
C TRP A 353 9.21 1.93 -13.95
N CYS A 354 8.05 1.46 -13.48
CA CYS A 354 6.98 1.05 -14.39
C CYS A 354 5.59 1.44 -13.88
N PRO A 355 4.57 1.41 -14.72
CA PRO A 355 3.21 1.56 -14.22
C PRO A 355 2.74 0.25 -13.60
N GLN A 356 2.86 0.08 -12.28
CA GLN A 356 2.70 -1.25 -11.71
C GLN A 356 1.30 -1.81 -11.97
N LEU A 357 0.26 -1.01 -11.74
CA LEU A 357 -1.08 -1.55 -11.90
C LEU A 357 -1.30 -2.00 -13.35
N ASP A 358 -0.83 -1.22 -14.32
CA ASP A 358 -0.96 -1.62 -15.71
C ASP A 358 -0.11 -2.85 -16.01
N VAL A 359 1.09 -2.92 -15.44
CA VAL A 359 1.91 -4.11 -15.66
C VAL A 359 1.18 -5.34 -15.13
N LEU A 360 0.69 -5.26 -13.89
CA LEU A 360 0.07 -6.43 -13.26
C LEU A 360 -1.17 -6.91 -14.01
N ARG A 361 -1.89 -5.98 -14.64
CA ARG A 361 -3.07 -6.39 -15.39
C ARG A 361 -2.75 -6.78 -16.82
N HIS A 362 -1.48 -6.79 -17.22
CA HIS A 362 -1.15 -7.18 -18.58
C HIS A 362 -1.15 -8.70 -18.69
N GLU A 363 -1.76 -9.23 -19.77
CA GLU A 363 -1.92 -10.67 -19.90
C GLU A 363 -0.58 -11.40 -20.03
N SER A 364 0.52 -10.69 -20.27
CA SER A 364 1.80 -11.35 -20.42
C SER A 364 2.38 -11.80 -19.08
N VAL A 365 1.91 -11.24 -17.97
CA VAL A 365 2.52 -11.47 -16.67
C VAL A 365 2.04 -12.80 -16.12
N ALA A 366 2.99 -13.68 -15.83
CA ALA A 366 2.71 -14.96 -15.19
C ALA A 366 2.65 -14.85 -13.68
N CYS A 367 3.52 -14.05 -13.06
CA CYS A 367 3.56 -13.98 -11.60
C CYS A 367 4.38 -12.77 -11.20
N PHE A 368 4.32 -12.47 -9.90
CA PHE A 368 4.76 -11.21 -9.31
C PHE A 368 5.70 -11.54 -8.16
N MET A 369 7.00 -11.27 -8.34
CA MET A 369 7.98 -11.40 -7.27
C MET A 369 8.06 -10.06 -6.54
N THR A 370 7.65 -10.04 -5.28
CA THR A 370 7.30 -8.78 -4.61
C THR A 370 7.83 -8.78 -3.19
N HIS A 371 8.10 -7.56 -2.67
CA HIS A 371 8.42 -7.40 -1.25
C HIS A 371 7.18 -7.41 -0.35
N CYS A 372 5.98 -7.51 -0.92
CA CYS A 372 4.73 -7.65 -0.16
C CYS A 372 4.32 -6.38 0.56
N GLY A 373 4.78 -5.22 0.11
CA GLY A 373 4.13 -4.00 0.55
C GLY A 373 2.61 -4.11 0.35
N TRP A 374 1.80 -3.46 1.17
CA TRP A 374 0.35 -3.67 1.09
C TRP A 374 -0.23 -3.22 -0.24
N ASN A 375 0.23 -2.08 -0.76
CA ASN A 375 -0.28 -1.62 -2.06
C ASN A 375 0.01 -2.65 -3.16
N SER A 376 1.25 -3.14 -3.21
CA SER A 376 1.62 -4.15 -4.20
C SER A 376 0.82 -5.43 -4.03
N THR A 377 0.60 -5.84 -2.78
CA THR A 377 -0.23 -7.02 -2.51
C THR A 377 -1.66 -6.81 -2.97
N LEU A 378 -2.29 -5.71 -2.56
CA LEU A 378 -3.68 -5.48 -2.93
C LEU A 378 -3.82 -5.22 -4.44
N GLU A 379 -2.86 -4.55 -5.05
CA GLU A 379 -2.89 -4.44 -6.51
C GLU A 379 -2.81 -5.81 -7.18
N ALA A 380 -1.96 -6.71 -6.65
CA ALA A 380 -1.85 -8.05 -7.23
C ALA A 380 -3.15 -8.81 -7.06
N ILE A 381 -3.73 -8.73 -5.86
CA ILE A 381 -5.03 -9.37 -5.64
C ILE A 381 -6.03 -8.85 -6.65
N SER A 382 -6.15 -7.51 -6.77
CA SER A 382 -7.17 -6.99 -7.67
C SER A 382 -6.85 -7.34 -9.11
N SER A 383 -5.67 -7.88 -9.38
CA SER A 383 -5.30 -8.17 -10.76
C SER A 383 -5.23 -9.65 -11.08
N GLY A 384 -5.44 -10.52 -10.09
CA GLY A 384 -5.38 -11.95 -10.33
C GLY A 384 -3.99 -12.52 -10.51
N VAL A 385 -2.95 -11.88 -10.00
CA VAL A 385 -1.57 -12.31 -10.26
C VAL A 385 -1.02 -13.02 -9.03
N PRO A 386 -0.61 -14.28 -9.12
CA PRO A 386 0.02 -14.95 -7.98
C PRO A 386 1.42 -14.42 -7.72
N MET A 387 1.85 -14.55 -6.46
CA MET A 387 3.06 -13.89 -5.98
C MET A 387 4.11 -14.86 -5.44
N ILE A 388 5.36 -14.42 -5.57
CA ILE A 388 6.52 -14.96 -4.89
C ILE A 388 6.90 -13.92 -3.86
N CYS A 389 6.77 -14.24 -2.57
CA CYS A 389 6.93 -13.27 -1.50
C CYS A 389 8.36 -13.23 -0.99
N VAL A 390 8.96 -12.05 -1.06
CA VAL A 390 10.27 -11.79 -0.51
C VAL A 390 10.16 -10.62 0.46
N PRO A 391 9.45 -10.77 1.58
CA PRO A 391 9.18 -9.61 2.45
C PRO A 391 10.46 -9.08 3.09
N GLN A 392 10.50 -7.78 3.33
CA GLN A 392 11.71 -7.16 3.89
C GLN A 392 11.51 -6.65 5.31
N TRP A 393 10.41 -5.95 5.61
CA TRP A 393 10.29 -5.41 6.96
C TRP A 393 8.89 -4.87 7.20
N VAL A 394 8.63 -4.50 8.45
CA VAL A 394 7.33 -4.05 8.92
C VAL A 394 6.23 -5.04 8.51
N ASP A 395 5.18 -4.55 7.85
CA ASP A 395 4.02 -5.41 7.64
C ASP A 395 4.23 -6.42 6.52
N GLN A 396 5.33 -6.33 5.79
CA GLN A 396 5.56 -7.23 4.66
C GLN A 396 5.63 -8.69 5.09
N THR A 397 6.15 -8.97 6.30
CA THR A 397 6.23 -10.35 6.78
C THR A 397 4.84 -10.92 7.04
N THR A 398 3.99 -10.15 7.73
CA THR A 398 2.60 -10.56 7.97
C THR A 398 1.81 -10.72 6.68
N ASN A 399 1.93 -9.75 5.77
CA ASN A 399 1.26 -9.88 4.47
C ASN A 399 1.67 -11.19 3.79
N ALA A 400 2.98 -11.45 3.73
CA ALA A 400 3.47 -12.71 3.14
C ALA A 400 2.79 -13.91 3.79
N LYS A 401 2.68 -13.91 5.13
CA LYS A 401 2.02 -15.03 5.78
C LYS A 401 0.60 -15.20 5.27
N PHE A 402 -0.13 -14.08 5.12
CA PHE A 402 -1.51 -14.17 4.63
C PHE A 402 -1.56 -14.54 3.15
N ILE A 403 -0.64 -14.01 2.34
CA ILE A 403 -0.57 -14.41 0.93
C ILE A 403 -0.41 -15.93 0.81
N GLN A 404 0.49 -16.53 1.57
CA GLN A 404 0.76 -17.95 1.36
C GLN A 404 -0.29 -18.84 2.03
N ASP A 405 -0.60 -18.59 3.31
CA ASP A 405 -1.35 -19.54 4.10
C ASP A 405 -2.83 -19.21 4.27
N VAL A 406 -3.25 -17.97 4.03
CA VAL A 406 -4.66 -17.58 4.25
C VAL A 406 -5.37 -17.34 2.93
N TRP A 407 -4.89 -16.39 2.14
CA TRP A 407 -5.50 -16.18 0.83
C TRP A 407 -5.08 -17.24 -0.17
N LYS A 408 -3.88 -17.83 0.00
CA LYS A 408 -3.40 -18.95 -0.80
C LYS A 408 -3.20 -18.54 -2.27
N ILE A 409 -2.56 -17.39 -2.47
CA ILE A 409 -2.31 -16.82 -3.79
C ILE A 409 -0.81 -16.62 -4.04
N GLY A 410 0.06 -17.26 -3.26
CA GLY A 410 1.49 -17.09 -3.44
C GLY A 410 2.26 -18.03 -2.53
N VAL A 411 3.59 -18.00 -2.66
CA VAL A 411 4.48 -18.76 -1.78
C VAL A 411 5.57 -17.84 -1.29
N ARG A 412 5.98 -18.03 -0.02
CA ARG A 412 7.00 -17.19 0.59
C ARG A 412 8.35 -17.89 0.56
N VAL A 413 9.40 -17.16 0.16
CA VAL A 413 10.74 -17.73 0.12
C VAL A 413 11.26 -17.93 1.55
N ASN A 414 12.16 -18.89 1.72
CA ASN A 414 12.82 -19.13 3.00
C ASN A 414 14.22 -18.54 2.97
N ASN A 415 14.56 -17.72 3.97
CA ASN A 415 15.91 -17.20 4.13
C ASN A 415 16.93 -18.33 4.18
N GLY A 422 18.89 -11.93 6.28
CA GLY A 422 19.03 -13.32 5.85
C GLY A 422 18.93 -13.46 4.34
N LEU A 423 19.95 -14.07 3.75
CA LEU A 423 20.05 -14.16 2.30
C LEU A 423 19.12 -15.22 1.74
N VAL A 424 18.46 -14.89 0.64
CA VAL A 424 17.62 -15.82 -0.10
C VAL A 424 18.38 -16.17 -1.37
N LYS A 425 18.75 -17.45 -1.50
CA LYS A 425 19.66 -17.90 -2.54
C LYS A 425 18.91 -18.15 -3.84
N LYS A 426 19.66 -18.12 -4.95
CA LYS A 426 19.02 -18.31 -6.25
C LYS A 426 18.23 -19.61 -6.30
N GLU A 427 18.79 -20.69 -5.74
CA GLU A 427 18.11 -21.97 -5.75
C GLU A 427 16.75 -21.91 -5.05
N GLU A 428 16.68 -21.14 -3.96
CA GLU A 428 15.40 -20.95 -3.29
C GLU A 428 14.45 -20.13 -4.16
N ILE A 429 14.95 -19.06 -4.79
CA ILE A 429 14.11 -18.29 -5.72
C ILE A 429 13.67 -19.18 -6.88
N GLU A 430 14.60 -19.98 -7.41
CA GLU A 430 14.27 -20.95 -8.45
C GLU A 430 13.17 -21.90 -8.00
N ARG A 431 13.28 -22.45 -6.79
CA ARG A 431 12.24 -23.33 -6.27
C ARG A 431 10.86 -22.64 -6.30
N CYS A 432 10.79 -21.38 -5.88
CA CYS A 432 9.48 -20.75 -5.79
C CYS A 432 8.89 -20.47 -7.17
N ILE A 433 9.74 -20.16 -8.15
CA ILE A 433 9.27 -19.94 -9.52
C ILE A 433 8.70 -21.22 -10.12
N LYS A 434 9.42 -22.34 -9.95
CA LYS A 434 8.89 -23.63 -10.39
C LYS A 434 7.54 -23.92 -9.75
N GLU A 435 7.40 -23.63 -8.46
CA GLU A 435 6.15 -23.94 -7.77
C GLU A 435 5.02 -23.03 -8.25
N VAL A 436 5.29 -21.75 -8.43
CA VAL A 436 4.18 -20.87 -8.83
C VAL A 436 3.88 -21.03 -10.30
N CYS A 437 4.90 -21.20 -11.15
CA CYS A 437 4.72 -21.07 -12.59
C CYS A 437 4.77 -22.36 -13.37
N GLU A 438 5.16 -23.47 -12.77
CA GLU A 438 5.39 -24.70 -13.51
C GLU A 438 4.91 -25.90 -12.73
N SER A 439 3.77 -25.77 -12.05
CA SER A 439 3.35 -26.85 -11.17
C SER A 439 1.85 -26.81 -11.00
N GLU A 440 1.28 -28.00 -10.76
CA GLU A 440 -0.14 -28.12 -10.42
C GLU A 440 -0.52 -27.22 -9.25
N LYS A 441 0.34 -27.14 -8.23
CA LYS A 441 0.04 -26.23 -7.13
C LYS A 441 -0.04 -24.79 -7.62
N GLY A 442 0.79 -24.42 -8.59
CA GLY A 442 0.75 -23.07 -9.11
C GLY A 442 -0.51 -22.78 -9.89
N LYS A 443 -0.96 -23.76 -10.69
CA LYS A 443 -2.25 -23.58 -11.36
C LYS A 443 -3.34 -23.32 -10.34
N GLU A 444 -3.28 -24.02 -9.20
CA GLU A 444 -4.27 -23.78 -8.15
C GLU A 444 -4.13 -22.36 -7.57
N LEU A 445 -2.90 -21.96 -7.21
CA LEU A 445 -2.67 -20.60 -6.74
C LEU A 445 -3.22 -19.59 -7.73
N LYS A 446 -3.06 -19.83 -9.03
CA LYS A 446 -3.62 -18.94 -10.04
C LYS A 446 -5.15 -18.94 -9.96
N ARG A 447 -5.76 -20.11 -9.83
CA ARG A 447 -7.21 -20.18 -9.65
C ARG A 447 -7.66 -19.38 -8.42
N ASN A 448 -6.93 -19.49 -7.31
CA ASN A 448 -7.29 -18.74 -6.11
C ASN A 448 -7.18 -17.24 -6.35
N ALA A 449 -6.14 -16.82 -7.06
CA ALA A 449 -5.95 -15.40 -7.33
C ALA A 449 -7.07 -14.86 -8.24
N MET A 450 -7.53 -15.68 -9.19
CA MET A 450 -8.64 -15.25 -10.04
C MET A 450 -9.92 -15.10 -9.24
N LYS A 451 -10.16 -16.00 -8.29
CA LYS A 451 -11.31 -15.86 -7.41
C LYS A 451 -11.24 -14.57 -6.61
N TRP A 452 -10.11 -14.32 -5.94
CA TRP A 452 -10.01 -13.10 -5.16
C TRP A 452 -10.12 -11.85 -6.04
N LYS A 453 -9.65 -11.93 -7.30
CA LYS A 453 -9.77 -10.79 -8.18
C LYS A 453 -11.23 -10.43 -8.40
N ASP A 454 -12.05 -11.44 -8.67
CA ASP A 454 -13.50 -11.23 -8.79
C ASP A 454 -14.10 -10.67 -7.50
N LEU A 455 -13.67 -11.18 -6.34
CA LEU A 455 -14.26 -10.69 -5.10
C LEU A 455 -13.92 -9.22 -4.85
N SER A 456 -12.71 -8.78 -5.19
CA SER A 456 -12.39 -7.37 -4.98
C SER A 456 -13.09 -6.49 -6.01
N LYS A 457 -13.32 -6.99 -7.22
CA LYS A 457 -14.14 -6.25 -8.17
C LYS A 457 -15.56 -6.12 -7.65
N GLU A 458 -16.10 -7.19 -7.05
CA GLU A 458 -17.45 -7.11 -6.50
C GLU A 458 -17.52 -6.10 -5.35
N ALA A 459 -16.45 -5.98 -4.57
CA ALA A 459 -16.47 -5.11 -3.40
C ALA A 459 -16.63 -3.65 -3.80
N VAL A 460 -16.00 -3.24 -4.91
CA VAL A 460 -16.00 -1.84 -5.32
C VAL A 460 -17.05 -1.53 -6.39
N SER A 461 -17.89 -2.51 -6.75
CA SER A 461 -19.01 -2.34 -7.67
C SER A 461 -20.27 -1.98 -6.90
N GLU A 462 -21.29 -1.57 -7.65
CA GLU A 462 -22.52 -1.08 -7.05
C GLU A 462 -23.10 -2.13 -6.10
N GLY A 463 -23.37 -1.72 -4.87
CA GLY A 463 -23.87 -2.66 -3.90
C GLY A 463 -22.83 -3.53 -3.24
N GLY A 464 -21.54 -3.40 -3.60
CA GLY A 464 -20.50 -4.12 -2.90
C GLY A 464 -20.12 -3.49 -1.56
N SER A 465 -19.52 -4.32 -0.69
CA SER A 465 -19.22 -3.83 0.66
C SER A 465 -18.41 -2.54 0.64
N SER A 466 -17.40 -2.44 -0.24
CA SER A 466 -16.54 -1.26 -0.26
C SER A 466 -17.24 -0.05 -0.89
N ASP A 467 -17.97 -0.26 -2.00
CA ASP A 467 -18.81 0.80 -2.55
C ASP A 467 -19.79 1.32 -1.51
N THR A 468 -20.45 0.43 -0.77
CA THR A 468 -21.37 0.86 0.26
C THR A 468 -20.68 1.66 1.36
N ASN A 469 -19.51 1.21 1.82
CA ASN A 469 -18.86 1.92 2.92
C ASN A 469 -18.37 3.29 2.48
N LEU A 470 -17.83 3.40 1.27
CA LEU A 470 -17.40 4.70 0.78
C LEU A 470 -18.61 5.61 0.53
N GLU A 471 -19.75 5.07 0.10
CA GLU A 471 -20.96 5.88 0.00
C GLU A 471 -21.50 6.28 1.38
N TYR A 472 -21.35 5.39 2.38
CA TYR A 472 -21.69 5.81 3.74
C TYR A 472 -20.88 7.04 4.15
N PHE A 473 -19.57 7.03 3.86
CA PHE A 473 -18.70 8.17 4.16
C PHE A 473 -19.19 9.43 3.44
N ALA A 474 -19.34 9.36 2.11
CA ALA A 474 -19.76 10.50 1.30
C ALA A 474 -21.12 11.05 1.75
N SER A 475 -22.12 10.17 1.89
CA SER A 475 -23.47 10.64 2.21
C SER A 475 -23.56 11.27 3.59
N THR A 476 -22.87 10.71 4.59
CA THR A 476 -22.96 11.30 5.92
C THR A 476 -22.20 12.61 6.00
N LEU A 477 -21.21 12.83 5.11
CA LEU A 477 -20.59 14.15 5.03
C LEU A 477 -21.62 15.22 4.68
N LEU A 478 -22.69 14.85 3.98
CA LEU A 478 -23.69 15.83 3.57
C LEU A 478 -24.71 16.17 4.65
N PHE A 479 -24.80 15.38 5.72
CA PHE A 479 -25.89 15.52 6.70
C PHE A 479 -25.82 16.85 7.44
N TYR A 480 -27.00 17.36 7.76
CA TYR A 480 -27.17 18.37 8.80
C TYR A 480 -27.33 17.64 10.12
N1 UDP B . 4.91 1.26 -7.79
C2 UDP B . 4.79 1.72 -9.22
N3 UDP B . 5.84 1.30 -10.21
C4 UDP B . 6.96 0.45 -9.79
C5 UDP B . 7.07 0.00 -8.37
C6 UDP B . 6.02 0.43 -7.39
O2 UDP B . 3.88 2.40 -9.57
O4 UDP B . 7.79 0.11 -10.56
C1' UDP B . 3.91 1.69 -6.80
C2' UDP B . 2.78 0.59 -6.47
O2' UDP B . 1.82 0.52 -7.57
C3' UDP B . 2.21 1.00 -5.34
C4' UDP B . 3.23 1.93 -4.66
O4' UDP B . 4.45 1.96 -5.63
O3' UDP B . 0.98 1.82 -5.63
C5' UDP B . 3.51 1.57 -3.31
O5' UDP B . 4.30 0.44 -3.11
PA UDP B . 4.09 -0.61 -1.83
O1A UDP B . 3.85 -2.01 -2.33
O2A UDP B . 2.99 -0.22 -0.89
O3A UDP B . 5.46 -0.68 -0.92
PB UDP B . 6.49 0.56 -0.62
O1B UDP B . 7.69 -0.06 0.12
O2B UDP B . 7.00 1.20 -1.90
O3B UDP B . 5.78 1.59 0.25
C TRS C . 2.82 0.56 2.74
C1 TRS C . 2.09 1.85 3.14
C2 TRS C . 4.22 0.61 3.33
C3 TRS C . 2.07 -0.65 3.33
N TRS C . 2.86 0.46 1.27
O1 TRS C . 1.84 1.85 4.52
O2 TRS C . 4.11 0.41 4.71
O3 TRS C . 2.86 -1.82 3.34
C18 BUF D . 11.06 8.02 6.99
C13 BUF D . 11.39 6.77 6.16
C12 BUF D . 10.35 6.56 5.06
C11 BUF D . 9.02 6.05 5.58
C9 BUF D . 9.11 4.79 6.46
C10 BUF D . 7.69 4.31 6.88
C19 BUF D . 6.87 5.44 7.53
C1 BUF D . 6.88 3.83 5.65
C2 BUF D . 5.49 3.31 5.98
C3 BUF D . 5.49 2.44 7.21
O3 BUF D . 4.90 3.17 8.29
C4 BUF D . 6.90 1.99 7.56
C5 BUF D . 7.87 3.13 7.85
C6 BUF D . 9.31 2.60 7.87
C7 BUF D . 10.28 3.68 8.36
C8 BUF D . 10.14 4.99 7.59
C14 BUF D . 11.49 5.47 7.02
O14 BUF D . 12.37 5.73 8.13
C15 BUF D . 12.23 4.55 6.04
C16 BUF D . 13.21 5.46 5.28
C17 BUF D . 12.80 6.91 5.53
C20 BUF D . 13.86 7.71 6.27
C22 BUF D . 14.87 7.12 7.02
C23 BUF D . 15.84 7.91 7.64
C24 BUF D . 15.80 9.34 7.52
O24 BUF D . 16.55 10.14 8.02
O21 BUF D . 14.79 9.90 6.76
C21 BUF D . 13.87 9.11 6.14
H1 BUF D . 11.72 8.11 7.69
H2 BUF D . 10.17 7.92 7.37
H3 BUF D . 11.08 8.80 6.41
H4 BUF D . 10.21 7.40 4.60
H5 BUF D . 10.70 5.92 4.41
H6 BUF D . 8.60 6.76 6.11
H7 BUF D . 8.44 5.85 4.82
H8 BUF D . 9.51 4.05 5.97
H9 BUF D . 6.59 6.09 6.85
H10 BUF D . 7.42 5.90 8.20
H11 BUF D . 6.07 5.06 7.96
H12 BUF D . 6.80 4.55 5.03
H13 BUF D . 7.38 3.11 5.22
H14 BUF D . 5.14 2.79 5.22
H15 BUF D . 4.89 4.06 6.12
H16 BUF D . 4.98 1.62 7.05
H17 BUF D . 4.08 3.32 8.12
H18 BUF D . 7.25 1.47 6.84
H19 BUF D . 6.85 1.43 8.35
H20 BUF D . 7.69 3.49 8.75
H21 BUF D . 9.56 2.32 6.97
H22 BUF D . 9.35 1.83 8.45
H23 BUF D . 11.19 3.34 8.26
H24 BUF D . 10.13 3.84 9.31
H25 BUF D . 9.82 5.67 8.24
H26 BUF D . 11.96 6.17 8.72
H27 BUF D . 12.70 3.85 6.53
H28 BUF D . 11.60 4.13 5.43
H29 BUF D . 14.13 5.31 5.59
H30 BUF D . 13.17 5.26 4.32
H31 BUF D . 12.66 7.41 4.70
H32 BUF D . 14.90 6.18 7.11
H33 BUF D . 16.53 7.50 8.14
H34 BUF D . 13.20 9.52 5.60
#